data_8GU1
#
_entry.id   8GU1
#
_cell.length_a   90.014
_cell.length_b   45.795
_cell.length_c   115.675
_cell.angle_alpha   90.000
_cell.angle_beta   91.990
_cell.angle_gamma   90.000
#
_symmetry.space_group_name_H-M   'P 1 21 1'
#
loop_
_entity.id
_entity.type
_entity.pdbx_description
1 polymer 'Putative amino acid-binding periplasmic ABC transporter protein'
2 non-polymer 3-[1-[4,4-bis(4-fluorophenyl)butyl]piperidin-4-yl]-1~{H}-benzimidazol-2-one
3 water water
#
_entity_poly.entity_id   1
_entity_poly.type   'polypeptide(L)'
_entity_poly.pdbx_seq_one_letter_code
;MFRTEDQSALRVGTDGIYPPHSFHAQDGRGELTGFDIDLIKEVAHRLNLKVEFFETAVSGLITGLDTNRYDVLVNVAITP
ERQKKYDFSIPYIAHRVLLVVRSDQQDIRSFKDLTDKTVAQILGTDLSRFAKELKSHLVFSHNFEQSLQLLLSKRTDATM
IPDIPFFNFLERRPHDGNLFKIADRMKDNSAVAFMMRKGNNKLTRSINEILCAIHLDGTYKKIFDRYFDKNIISSVPGCS
S
;
_entity_poly.pdbx_strand_id   A,B
#
loop_
_chem_comp.id
_chem_comp.type
_chem_comp.name
_chem_comp.formula
1II non-polymer 3-[1-[4,4-bis(4-fluorophenyl)butyl]piperidin-4-yl]-1~{H}-benzimidazol-2-one 'C28 H29 F2 N3 O'
#
# COMPACT_ATOMS: atom_id res chain seq x y z
N SER A 8 -9.30 -29.62 4.43
CA SER A 8 -8.23 -28.56 4.65
C SER A 8 -8.29 -27.48 3.55
N ALA A 9 -9.09 -26.44 3.80
CA ALA A 9 -9.44 -25.43 2.83
C ALA A 9 -9.46 -24.08 3.54
N LEU A 10 -9.49 -23.00 2.74
CA LEU A 10 -9.52 -21.63 3.25
C LEU A 10 -10.98 -21.15 3.25
N ARG A 11 -11.55 -21.07 4.47
CA ARG A 11 -12.94 -20.71 4.69
C ARG A 11 -13.09 -19.19 4.59
N VAL A 12 -13.65 -18.76 3.46
CA VAL A 12 -13.74 -17.34 3.18
C VAL A 12 -15.22 -16.96 3.31
N GLY A 13 -15.52 -16.08 4.28
CA GLY A 13 -16.78 -15.36 4.46
C GLY A 13 -16.92 -14.19 3.50
N THR A 14 -18.12 -14.08 2.92
CA THR A 14 -18.45 -12.91 2.14
C THR A 14 -19.97 -12.75 2.21
N ASP A 15 -20.45 -11.68 1.60
CA ASP A 15 -21.83 -11.48 1.24
C ASP A 15 -21.81 -11.23 -0.26
N GLY A 16 -22.54 -12.05 -1.02
CA GLY A 16 -22.42 -12.05 -2.47
C GLY A 16 -23.40 -11.13 -3.19
N ILE A 17 -23.62 -9.91 -2.66
CA ILE A 17 -24.49 -8.96 -3.35
C ILE A 17 -23.81 -7.60 -3.46
N TYR A 18 -22.48 -7.59 -3.69
CA TYR A 18 -21.59 -6.43 -3.64
C TYR A 18 -20.67 -6.39 -4.88
N PRO A 19 -21.21 -6.24 -6.09
CA PRO A 19 -20.33 -6.11 -7.27
C PRO A 19 -19.46 -4.86 -7.19
N PRO A 20 -18.19 -4.88 -7.68
CA PRO A 20 -17.56 -6.07 -8.26
C PRO A 20 -16.71 -6.84 -7.26
N HIS A 21 -16.92 -6.63 -5.97
CA HIS A 21 -16.08 -7.33 -4.99
C HIS A 21 -16.42 -8.82 -4.84
N SER A 22 -17.72 -9.16 -4.89
CA SER A 22 -18.27 -10.42 -4.42
C SER A 22 -19.75 -10.45 -4.81
N PHE A 23 -20.00 -10.97 -6.00
CA PHE A 23 -21.34 -11.05 -6.59
C PHE A 23 -21.45 -12.37 -7.37
N HIS A 24 -22.66 -12.67 -7.86
CA HIS A 24 -22.89 -13.95 -8.50
C HIS A 24 -23.11 -13.74 -9.99
N ALA A 25 -22.58 -14.66 -10.79
CA ALA A 25 -22.55 -14.49 -12.23
C ALA A 25 -23.96 -14.62 -12.77
N GLN A 26 -24.12 -14.18 -14.03
CA GLN A 26 -25.38 -14.31 -14.73
C GLN A 26 -26.46 -13.62 -13.91
N ASP A 27 -26.23 -12.35 -13.60
CA ASP A 27 -27.28 -11.54 -12.98
C ASP A 27 -27.73 -12.13 -11.64
N GLY A 28 -26.81 -12.78 -10.92
CA GLY A 28 -27.05 -13.15 -9.54
C GLY A 28 -27.45 -14.61 -9.38
N ARG A 29 -27.43 -15.35 -10.50
CA ARG A 29 -27.93 -16.72 -10.56
C ARG A 29 -26.80 -17.76 -10.51
N GLY A 30 -25.59 -17.35 -10.86
CA GLY A 30 -24.51 -18.30 -11.06
C GLY A 30 -23.50 -18.32 -9.91
N GLU A 31 -22.30 -18.81 -10.19
CA GLU A 31 -21.29 -19.01 -9.16
C GLU A 31 -20.82 -17.66 -8.60
N LEU A 32 -20.25 -17.75 -7.42
CA LEU A 32 -19.69 -16.57 -6.80
C LEU A 32 -18.51 -16.03 -7.61
N THR A 33 -18.45 -14.73 -7.77
CA THR A 33 -17.40 -14.16 -8.60
C THR A 33 -16.97 -12.86 -7.94
N GLY A 34 -15.95 -12.18 -8.51
CA GLY A 34 -15.57 -10.83 -8.16
C GLY A 34 -14.07 -10.68 -7.88
N PHE A 35 -13.63 -9.42 -7.81
CA PHE A 35 -12.25 -9.11 -7.61
C PHE A 35 -11.70 -9.84 -6.38
N ASP A 36 -12.26 -9.55 -5.21
CA ASP A 36 -11.74 -10.16 -4.00
C ASP A 36 -11.78 -11.68 -4.06
N ILE A 37 -12.88 -12.19 -4.62
CA ILE A 37 -13.20 -13.61 -4.67
C ILE A 37 -12.16 -14.32 -5.52
N ASP A 38 -11.93 -13.82 -6.75
CA ASP A 38 -10.91 -14.38 -7.63
C ASP A 38 -9.54 -14.33 -6.94
N LEU A 39 -9.26 -13.21 -6.27
CA LEU A 39 -7.99 -13.06 -5.59
C LEU A 39 -7.85 -14.15 -4.56
N ILE A 40 -8.77 -14.27 -3.60
CA ILE A 40 -8.50 -15.18 -2.50
C ILE A 40 -8.51 -16.60 -3.05
N LYS A 41 -9.39 -16.86 -4.00
CA LYS A 41 -9.38 -18.13 -4.72
C LYS A 41 -8.00 -18.36 -5.35
N GLU A 42 -7.51 -17.35 -6.09
CA GLU A 42 -6.15 -17.39 -6.62
C GLU A 42 -5.15 -17.62 -5.47
N VAL A 43 -5.28 -16.85 -4.40
CA VAL A 43 -4.39 -17.02 -3.26
C VAL A 43 -4.48 -18.50 -2.86
N ALA A 44 -5.71 -19.03 -2.81
CA ALA A 44 -5.95 -20.33 -2.20
C ALA A 44 -5.23 -21.41 -3.01
N HIS A 45 -5.30 -21.30 -4.34
CA HIS A 45 -4.75 -22.26 -5.26
C HIS A 45 -3.23 -22.33 -5.09
N ARG A 46 -2.57 -21.19 -4.94
CA ARG A 46 -1.12 -21.19 -4.82
C ARG A 46 -0.74 -21.79 -3.45
N LEU A 47 -1.42 -21.35 -2.40
CA LEU A 47 -1.26 -21.87 -1.05
C LEU A 47 -1.63 -23.36 -1.02
N ASN A 48 -2.13 -23.86 -2.15
CA ASN A 48 -2.60 -25.22 -2.32
C ASN A 48 -3.68 -25.59 -1.28
N LEU A 49 -4.89 -25.04 -1.51
CA LEU A 49 -6.03 -25.17 -0.60
C LEU A 49 -7.29 -24.95 -1.42
N LYS A 50 -8.30 -25.83 -1.25
CA LYS A 50 -9.63 -25.56 -1.78
C LYS A 50 -10.24 -24.38 -1.03
N VAL A 51 -11.24 -23.74 -1.61
CA VAL A 51 -11.87 -22.66 -0.88
C VAL A 51 -13.35 -23.00 -0.65
N GLU A 52 -13.80 -22.89 0.60
CA GLU A 52 -15.23 -22.98 0.90
C GLU A 52 -15.72 -21.60 1.27
N PHE A 53 -16.71 -21.09 0.51
CA PHE A 53 -17.35 -19.84 0.89
C PHE A 53 -18.54 -20.02 1.82
N PHE A 54 -18.89 -18.89 2.45
CA PHE A 54 -19.94 -18.70 3.43
C PHE A 54 -20.48 -17.30 3.22
N GLU A 55 -21.63 -17.19 2.54
CA GLU A 55 -22.30 -15.90 2.43
C GLU A 55 -23.26 -15.71 3.60
N THR A 56 -23.03 -14.56 4.23
CA THR A 56 -23.77 -14.07 5.38
C THR A 56 -24.06 -12.63 5.02
N ALA A 57 -24.93 -11.93 5.80
CA ALA A 57 -25.12 -10.50 5.63
C ALA A 57 -24.01 -9.73 6.36
N VAL A 58 -23.72 -8.52 5.85
CA VAL A 58 -22.52 -7.81 6.24
C VAL A 58 -22.50 -7.64 7.75
N SER A 59 -23.71 -7.57 8.31
CA SER A 59 -23.86 -7.16 9.69
C SER A 59 -23.35 -8.28 10.60
N GLY A 60 -23.47 -9.51 10.11
CA GLY A 60 -22.92 -10.67 10.77
C GLY A 60 -21.49 -11.02 10.34
N LEU A 61 -20.88 -10.23 9.42
CA LEU A 61 -19.65 -10.71 8.81
C LEU A 61 -18.55 -10.96 9.85
N ILE A 62 -18.22 -9.94 10.64
CA ILE A 62 -17.14 -10.00 11.61
C ILE A 62 -17.49 -11.02 12.67
N THR A 63 -18.76 -11.01 13.08
CA THR A 63 -19.31 -12.05 13.96
C THR A 63 -18.85 -13.44 13.49
N GLY A 64 -19.13 -13.73 12.21
CA GLY A 64 -18.81 -15.00 11.57
C GLY A 64 -17.33 -15.38 11.71
N LEU A 65 -16.49 -14.36 11.99
CA LEU A 65 -15.05 -14.52 12.12
C LEU A 65 -14.61 -14.66 13.59
N ASP A 66 -15.25 -13.91 14.47
CA ASP A 66 -15.07 -14.12 15.91
C ASP A 66 -15.55 -15.53 16.28
N THR A 67 -16.51 -16.07 15.52
CA THR A 67 -17.22 -17.26 15.94
C THR A 67 -16.64 -18.47 15.22
N ASN A 68 -15.55 -18.24 14.46
CA ASN A 68 -14.72 -19.28 13.87
C ASN A 68 -15.49 -20.07 12.80
N ARG A 69 -16.51 -19.45 12.21
CA ARG A 69 -17.27 -20.16 11.19
C ARG A 69 -16.60 -19.98 9.83
N TYR A 70 -15.52 -19.18 9.82
CA TYR A 70 -14.59 -19.01 8.71
C TYR A 70 -13.37 -18.17 9.11
N ASP A 71 -12.33 -18.20 8.25
CA ASP A 71 -10.98 -17.80 8.65
C ASP A 71 -10.49 -16.52 7.97
N VAL A 72 -11.07 -16.14 6.80
CA VAL A 72 -10.73 -14.91 6.08
C VAL A 72 -12.01 -14.11 5.82
N LEU A 73 -11.92 -12.78 5.95
CA LEU A 73 -12.86 -11.84 5.36
C LEU A 73 -12.12 -11.06 4.31
N VAL A 74 -12.86 -10.60 3.30
CA VAL A 74 -12.24 -9.93 2.19
C VAL A 74 -12.76 -8.51 2.21
N ASN A 75 -12.12 -7.64 1.42
CA ASN A 75 -12.54 -6.25 1.24
C ASN A 75 -12.73 -5.61 2.62
N VAL A 76 -11.83 -5.87 3.55
CA VAL A 76 -11.87 -5.18 4.84
C VAL A 76 -10.88 -4.01 4.89
N ALA A 77 -11.44 -2.82 5.05
CA ALA A 77 -10.73 -1.60 5.40
C ALA A 77 -9.92 -1.81 6.67
N ILE A 78 -8.67 -1.38 6.62
CA ILE A 78 -7.86 -1.32 7.83
C ILE A 78 -8.30 -0.12 8.68
N THR A 79 -8.43 -0.39 9.97
CA THR A 79 -8.73 0.60 10.99
C THR A 79 -7.93 0.26 12.25
N PRO A 80 -7.52 1.27 13.05
CA PRO A 80 -6.75 1.04 14.28
C PRO A 80 -7.47 0.02 15.15
N GLU A 81 -8.75 0.33 15.37
CA GLU A 81 -9.75 -0.48 16.05
C GLU A 81 -9.59 -1.95 15.64
N ARG A 82 -9.69 -2.25 14.35
CA ARG A 82 -9.67 -3.67 13.98
C ARG A 82 -8.25 -4.25 14.07
N GLN A 83 -7.25 -3.38 14.01
CA GLN A 83 -5.87 -3.81 13.87
C GLN A 83 -5.34 -4.31 15.23
N LYS A 84 -5.94 -3.78 16.29
CA LYS A 84 -5.82 -4.30 17.64
C LYS A 84 -6.31 -5.75 17.71
N LYS A 85 -7.49 -6.03 17.15
CA LYS A 85 -8.16 -7.28 17.50
C LYS A 85 -7.94 -8.34 16.45
N TYR A 86 -7.37 -7.93 15.29
CA TYR A 86 -7.24 -8.84 14.15
C TYR A 86 -5.87 -8.73 13.47
N ASP A 87 -5.63 -9.63 12.52
CA ASP A 87 -4.47 -9.65 11.65
C ASP A 87 -4.89 -9.22 10.24
N PHE A 88 -4.24 -8.20 9.66
CA PHE A 88 -4.49 -7.97 8.24
C PHE A 88 -3.34 -8.52 7.42
N SER A 89 -3.64 -9.01 6.21
CA SER A 89 -2.64 -9.16 5.17
C SER A 89 -2.08 -7.80 4.79
N ILE A 90 -1.04 -7.81 3.95
CA ILE A 90 -0.64 -6.58 3.27
C ILE A 90 -1.86 -6.01 2.56
N PRO A 91 -2.06 -4.68 2.50
CA PRO A 91 -3.10 -4.10 1.65
C PRO A 91 -2.97 -4.59 0.21
N TYR A 92 -4.13 -4.87 -0.41
CA TYR A 92 -4.15 -5.36 -1.78
C TYR A 92 -4.98 -4.46 -2.70
N ILE A 93 -5.53 -3.37 -2.15
CA ILE A 93 -6.29 -2.40 -2.93
C ILE A 93 -6.61 -1.26 -1.97
N ALA A 94 -7.05 -0.15 -2.54
CA ALA A 94 -7.59 0.94 -1.74
C ALA A 94 -8.91 1.45 -2.34
N HIS A 95 -9.77 1.99 -1.45
CA HIS A 95 -10.99 2.72 -1.76
C HIS A 95 -10.85 4.13 -1.21
N ARG A 96 -11.53 5.08 -1.83
CA ARG A 96 -11.74 6.39 -1.23
C ARG A 96 -13.24 6.57 -1.02
N VAL A 97 -13.63 7.12 0.14
CA VAL A 97 -15.02 7.14 0.57
C VAL A 97 -15.65 8.41 0.00
N LEU A 98 -16.70 8.26 -0.81
CA LEU A 98 -17.36 9.40 -1.42
C LEU A 98 -18.63 9.68 -0.63
N LEU A 99 -18.94 10.98 -0.48
CA LEU A 99 -20.27 11.45 -0.15
C LEU A 99 -21.01 11.71 -1.47
N VAL A 100 -21.90 10.78 -1.84
CA VAL A 100 -22.70 10.86 -3.05
C VAL A 100 -24.11 11.35 -2.71
N VAL A 101 -24.64 12.21 -3.59
CA VAL A 101 -25.99 12.74 -3.49
C VAL A 101 -26.63 12.72 -4.88
N ARG A 102 -27.90 13.11 -4.94
CA ARG A 102 -28.55 13.32 -6.23
C ARG A 102 -27.93 14.58 -6.85
N SER A 103 -27.78 14.58 -8.19
CA SER A 103 -27.14 15.70 -8.86
C SER A 103 -27.87 17.01 -8.56
N ASP A 104 -29.19 16.90 -8.32
CA ASP A 104 -30.07 18.03 -8.04
C ASP A 104 -29.72 18.72 -6.72
N GLN A 105 -29.01 18.00 -5.83
CA GLN A 105 -28.75 18.39 -4.44
C GLN A 105 -27.96 19.70 -4.37
N GLN A 106 -28.11 20.44 -3.25
CA GLN A 106 -27.50 21.75 -3.12
C GLN A 106 -26.77 22.00 -1.81
N ASP A 107 -27.30 21.49 -0.69
CA ASP A 107 -26.87 21.95 0.63
C ASP A 107 -25.91 20.97 1.31
N ILE A 108 -25.70 19.78 0.73
CA ILE A 108 -24.73 18.86 1.30
C ILE A 108 -23.40 19.08 0.57
N ARG A 109 -22.48 19.75 1.26
CA ARG A 109 -21.20 20.09 0.66
C ARG A 109 -20.07 19.37 1.39
N SER A 110 -20.33 18.85 2.59
CA SER A 110 -19.31 18.11 3.31
C SER A 110 -19.95 17.05 4.18
N PHE A 111 -19.10 16.21 4.77
CA PHE A 111 -19.62 15.24 5.71
C PHE A 111 -20.33 15.97 6.85
N LYS A 112 -19.78 17.08 7.35
CA LYS A 112 -20.38 17.73 8.50
C LYS A 112 -21.85 18.08 8.24
N ASP A 113 -22.24 18.12 6.95
CA ASP A 113 -23.53 18.63 6.53
C ASP A 113 -24.56 17.52 6.52
N LEU A 114 -24.14 16.31 6.89
CA LEU A 114 -25.04 15.17 6.86
C LEU A 114 -25.96 15.23 8.08
N THR A 115 -25.55 15.97 9.11
CA THR A 115 -26.42 16.21 10.24
C THR A 115 -27.77 16.70 9.71
N ASP A 116 -28.85 16.10 10.22
CA ASP A 116 -30.21 16.56 9.96
C ASP A 116 -30.72 16.28 8.55
N LYS A 117 -29.93 15.58 7.71
CA LYS A 117 -30.42 15.01 6.47
C LYS A 117 -30.55 13.49 6.61
N THR A 118 -31.19 12.89 5.60
CA THR A 118 -31.54 11.49 5.67
C THR A 118 -30.52 10.68 4.87
N VAL A 119 -29.92 9.65 5.47
CA VAL A 119 -28.81 9.01 4.80
C VAL A 119 -29.02 7.51 4.64
N ALA A 120 -28.64 6.97 3.47
CA ALA A 120 -28.61 5.52 3.27
C ALA A 120 -27.24 4.97 3.67
N GLN A 121 -27.19 4.14 4.70
CA GLN A 121 -25.96 3.37 4.94
C GLN A 121 -26.38 1.96 5.31
N ILE A 122 -25.46 1.01 5.17
CA ILE A 122 -25.68 -0.41 5.39
C ILE A 122 -25.55 -0.69 6.88
N LEU A 123 -26.61 -1.21 7.48
CA LEU A 123 -26.58 -1.46 8.91
C LEU A 123 -25.35 -2.30 9.30
N GLY A 124 -24.67 -1.86 10.36
CA GLY A 124 -23.58 -2.62 10.94
C GLY A 124 -22.23 -2.27 10.31
N THR A 125 -22.15 -1.10 9.64
CA THR A 125 -20.90 -0.72 9.00
C THR A 125 -20.40 0.57 9.63
N ASP A 126 -19.08 0.79 9.56
CA ASP A 126 -18.45 2.00 10.03
C ASP A 126 -19.12 3.19 9.38
N LEU A 127 -19.56 3.05 8.13
CA LEU A 127 -20.08 4.29 7.59
C LEU A 127 -21.46 4.61 8.19
N SER A 128 -22.28 3.57 8.46
CA SER A 128 -23.48 3.63 9.28
C SER A 128 -23.21 4.26 10.65
N ARG A 129 -22.15 3.80 11.34
CA ARG A 129 -21.84 4.36 12.67
C ARG A 129 -21.45 5.83 12.50
N PHE A 130 -20.65 6.14 11.47
CA PHE A 130 -20.40 7.53 11.12
C PHE A 130 -21.72 8.29 10.92
N ALA A 131 -22.55 7.87 9.96
CA ALA A 131 -23.73 8.66 9.67
C ALA A 131 -24.55 8.91 10.94
N LYS A 132 -24.56 7.91 11.85
CA LYS A 132 -25.35 7.99 13.07
C LYS A 132 -24.75 9.04 14.02
N GLU A 133 -23.47 8.89 14.38
CA GLU A 133 -22.71 9.93 15.09
C GLU A 133 -23.04 11.36 14.61
N LEU A 134 -22.99 11.61 13.30
CA LEU A 134 -23.23 12.97 12.80
C LEU A 134 -24.66 13.48 13.08
N LYS A 135 -25.49 12.68 13.77
CA LYS A 135 -26.93 12.91 13.90
C LYS A 135 -27.56 13.07 12.52
N SER A 136 -27.32 12.08 11.65
CA SER A 136 -28.11 11.97 10.44
C SER A 136 -29.38 11.19 10.75
N HIS A 137 -30.26 11.10 9.73
CA HIS A 137 -31.46 10.27 9.79
C HIS A 137 -31.21 9.06 8.90
N LEU A 138 -30.95 7.92 9.51
CA LEU A 138 -30.48 6.74 8.80
C LEU A 138 -31.65 6.01 8.14
N VAL A 139 -31.44 5.55 6.91
CA VAL A 139 -32.31 4.56 6.28
C VAL A 139 -31.40 3.42 5.82
N PHE A 140 -31.60 2.25 6.40
CA PHE A 140 -30.68 1.13 6.29
C PHE A 140 -30.89 0.37 4.98
N SER A 141 -29.81 0.19 4.20
CA SER A 141 -29.84 -0.62 2.98
C SER A 141 -29.22 -1.99 3.24
N HIS A 142 -29.50 -2.92 2.34
CA HIS A 142 -29.10 -4.32 2.36
C HIS A 142 -27.67 -4.45 1.81
N ASN A 143 -27.28 -3.51 0.92
CA ASN A 143 -25.97 -3.44 0.27
C ASN A 143 -25.80 -2.09 -0.42
N PHE A 144 -24.77 -1.99 -1.27
CA PHE A 144 -24.50 -0.71 -1.90
C PHE A 144 -25.48 -0.43 -3.02
N GLU A 145 -26.03 -1.46 -3.66
CA GLU A 145 -26.94 -1.18 -4.77
C GLU A 145 -28.19 -0.48 -4.22
N GLN A 146 -28.75 -1.04 -3.15
CA GLN A 146 -29.91 -0.43 -2.53
C GLN A 146 -29.55 0.93 -1.89
N SER A 147 -28.44 1.02 -1.16
CA SER A 147 -28.13 2.37 -0.70
C SER A 147 -28.19 3.39 -1.84
N LEU A 148 -27.68 3.05 -3.04
CA LEU A 148 -27.73 3.97 -4.17
C LEU A 148 -29.16 4.14 -4.71
N GLN A 149 -29.91 3.03 -4.78
CA GLN A 149 -31.25 3.05 -5.31
C GLN A 149 -32.18 3.87 -4.40
N LEU A 150 -31.86 3.95 -3.10
CA LEU A 150 -32.62 4.70 -2.10
C LEU A 150 -32.39 6.21 -2.31
N LEU A 151 -31.14 6.55 -2.63
CA LEU A 151 -30.76 7.91 -2.96
C LEU A 151 -31.52 8.32 -4.21
N LEU A 152 -31.54 7.41 -5.20
CA LEU A 152 -32.23 7.68 -6.46
C LEU A 152 -33.74 7.80 -6.29
N SER A 153 -34.33 7.05 -5.35
CA SER A 153 -35.78 6.99 -5.17
C SER A 153 -36.28 8.09 -4.23
N LYS A 154 -35.43 9.08 -3.94
CA LYS A 154 -35.70 10.21 -3.04
C LYS A 154 -35.87 9.73 -1.59
N ARG A 155 -35.67 8.43 -1.35
CA ARG A 155 -35.94 7.95 -0.01
C ARG A 155 -34.90 8.43 1.00
N THR A 156 -33.68 8.76 0.53
CA THR A 156 -32.62 9.34 1.34
C THR A 156 -31.96 10.48 0.53
N ASP A 157 -31.20 11.37 1.21
CA ASP A 157 -30.65 12.54 0.55
C ASP A 157 -29.21 12.24 0.14
N ALA A 158 -28.61 11.25 0.80
CA ALA A 158 -27.21 10.98 0.56
C ALA A 158 -26.84 9.60 1.03
N THR A 159 -25.66 9.18 0.59
CA THR A 159 -24.96 8.05 1.18
C THR A 159 -23.47 8.28 1.10
N MET A 160 -22.77 7.74 2.08
CA MET A 160 -21.33 7.58 2.02
C MET A 160 -21.07 6.13 1.65
N ILE A 161 -20.33 5.98 0.54
CA ILE A 161 -20.06 4.74 -0.19
C ILE A 161 -18.64 4.82 -0.73
N PRO A 162 -17.81 3.73 -0.73
CA PRO A 162 -16.51 3.76 -1.43
C PRO A 162 -16.63 4.04 -2.93
N ASP A 163 -15.52 4.42 -3.59
CA ASP A 163 -15.50 4.72 -5.01
C ASP A 163 -15.80 3.46 -5.78
N ILE A 164 -15.13 2.35 -5.42
CA ILE A 164 -15.25 1.09 -6.14
C ILE A 164 -16.72 0.69 -6.39
N PRO A 165 -17.56 0.30 -5.38
CA PRO A 165 -18.95 -0.07 -5.63
C PRO A 165 -19.68 0.96 -6.47
N PHE A 166 -19.43 2.25 -6.20
CA PHE A 166 -20.19 3.36 -6.75
C PHE A 166 -19.86 3.58 -8.22
N PHE A 167 -18.61 3.32 -8.63
CA PHE A 167 -18.25 3.38 -10.05
C PHE A 167 -18.62 2.06 -10.72
N ASN A 168 -18.66 0.99 -9.92
CA ASN A 168 -19.21 -0.23 -10.46
C ASN A 168 -20.63 0.06 -10.90
N PHE A 169 -21.35 0.81 -10.08
CA PHE A 169 -22.76 0.98 -10.34
C PHE A 169 -22.95 1.82 -11.62
N LEU A 170 -22.11 2.86 -11.82
CA LEU A 170 -22.15 3.69 -13.02
C LEU A 170 -21.82 2.89 -14.29
N GLU A 171 -21.08 1.77 -14.14
CA GLU A 171 -20.79 0.89 -15.27
C GLU A 171 -22.02 0.05 -15.61
N ARG A 172 -22.45 -0.85 -14.71
CA ARG A 172 -23.57 -1.74 -14.98
C ARG A 172 -24.78 -0.95 -15.49
N ARG A 173 -25.02 0.22 -14.88
CA ARG A 173 -26.21 1.03 -15.12
C ARG A 173 -25.81 2.44 -15.57
N PRO A 174 -25.36 2.63 -16.84
CA PRO A 174 -24.88 3.93 -17.32
C PRO A 174 -25.96 5.01 -17.51
N HIS A 175 -27.21 4.56 -17.67
CA HIS A 175 -28.40 5.40 -17.79
C HIS A 175 -28.71 6.06 -16.45
N ASP A 176 -28.17 5.49 -15.36
CA ASP A 176 -28.36 5.96 -13.99
C ASP A 176 -27.15 6.80 -13.56
N GLY A 177 -26.20 6.99 -14.48
CA GLY A 177 -24.86 7.50 -14.17
C GLY A 177 -24.65 8.93 -14.67
N ASN A 178 -25.41 9.85 -14.11
CA ASN A 178 -25.41 11.27 -14.41
C ASN A 178 -26.34 11.91 -13.39
N LEU A 179 -27.09 11.04 -12.72
CA LEU A 179 -28.16 11.41 -11.80
C LEU A 179 -27.60 11.53 -10.38
N PHE A 180 -26.28 11.34 -10.22
CA PHE A 180 -25.58 11.50 -8.94
C PHE A 180 -24.51 12.59 -9.02
N LYS A 181 -23.92 12.93 -7.87
CA LYS A 181 -22.67 13.67 -7.87
C LYS A 181 -21.91 13.47 -6.55
N ILE A 182 -20.58 13.56 -6.63
CA ILE A 182 -19.70 13.47 -5.48
C ILE A 182 -19.61 14.87 -4.84
N ALA A 183 -20.10 14.98 -3.60
CA ALA A 183 -20.06 16.25 -2.91
C ALA A 183 -18.91 16.32 -1.91
N ASP A 184 -18.26 15.18 -1.65
CA ASP A 184 -17.05 15.14 -0.83
C ASP A 184 -16.41 13.76 -0.93
N ARG A 185 -15.09 13.72 -0.73
CA ARG A 185 -14.35 12.49 -0.51
C ARG A 185 -13.50 12.72 0.73
N MET A 186 -13.05 11.64 1.40
CA MET A 186 -12.14 11.70 2.55
C MET A 186 -10.77 12.22 2.15
N LYS A 187 -10.08 12.89 3.10
CA LYS A 187 -8.68 13.31 3.04
C LYS A 187 -7.88 12.22 2.33
N ASP A 188 -7.68 11.09 3.01
CA ASP A 188 -6.93 10.00 2.42
C ASP A 188 -7.89 8.98 1.85
N ASN A 189 -7.36 8.11 0.98
CA ASN A 189 -7.96 6.82 0.67
C ASN A 189 -7.60 5.82 1.77
N SER A 190 -8.17 4.62 1.76
CA SER A 190 -8.04 3.68 2.86
C SER A 190 -7.49 2.34 2.37
N ALA A 191 -6.70 1.67 3.17
CA ALA A 191 -6.21 0.39 2.72
C ALA A 191 -7.29 -0.68 2.94
N VAL A 192 -7.39 -1.57 1.95
CA VAL A 192 -8.24 -2.73 2.07
C VAL A 192 -7.32 -3.95 2.02
N ALA A 193 -7.57 -4.91 2.95
CA ALA A 193 -6.77 -6.09 3.26
C ALA A 193 -7.67 -7.30 3.61
N PHE A 194 -7.09 -8.50 3.58
CA PHE A 194 -7.83 -9.63 4.09
C PHE A 194 -7.87 -9.53 5.61
N MET A 195 -8.95 -10.02 6.26
CA MET A 195 -8.94 -9.99 7.71
C MET A 195 -9.06 -11.37 8.37
N MET A 196 -8.02 -11.76 9.10
CA MET A 196 -7.98 -13.02 9.80
C MET A 196 -8.05 -12.78 11.31
N ARG A 197 -8.50 -13.79 12.05
CA ARG A 197 -8.43 -13.68 13.51
C ARG A 197 -6.98 -13.47 13.93
N LYS A 198 -6.80 -12.82 15.08
CA LYS A 198 -5.50 -12.65 15.69
C LYS A 198 -4.92 -14.05 15.91
N GLY A 199 -3.61 -14.22 15.68
CA GLY A 199 -3.01 -15.52 15.93
C GLY A 199 -2.68 -16.32 14.66
N ASN A 200 -3.40 -16.03 13.57
CA ASN A 200 -3.18 -16.68 12.28
C ASN A 200 -1.86 -16.16 11.68
N ASN A 201 -0.89 -15.87 12.56
CA ASN A 201 0.38 -15.26 12.19
C ASN A 201 0.95 -15.96 10.95
N LYS A 202 0.93 -17.29 11.01
CA LYS A 202 1.52 -18.13 9.98
C LYS A 202 0.77 -17.91 8.66
N LEU A 203 -0.57 -18.02 8.69
CA LEU A 203 -1.39 -17.96 7.48
C LEU A 203 -1.28 -16.58 6.82
N THR A 204 -1.14 -15.54 7.64
CA THR A 204 -1.06 -14.16 7.18
C THR A 204 0.12 -14.01 6.20
N ARG A 205 1.30 -14.49 6.64
CA ARG A 205 2.57 -14.26 5.99
C ARG A 205 2.56 -15.01 4.64
N SER A 206 1.98 -16.21 4.66
CA SER A 206 1.79 -16.99 3.45
C SER A 206 0.95 -16.23 2.44
N ILE A 207 -0.15 -15.67 2.93
CA ILE A 207 -1.02 -14.91 2.05
C ILE A 207 -0.16 -13.79 1.45
N ASN A 208 0.64 -13.20 2.32
CA ASN A 208 1.50 -12.09 1.96
C ASN A 208 2.51 -12.49 0.88
N GLU A 209 3.07 -13.70 1.02
CA GLU A 209 4.09 -14.15 0.09
C GLU A 209 3.41 -14.36 -1.27
N ILE A 210 2.23 -14.96 -1.24
CA ILE A 210 1.57 -15.30 -2.49
C ILE A 210 1.06 -14.03 -3.15
N LEU A 211 0.50 -13.12 -2.36
CA LEU A 211 0.14 -11.82 -2.90
C LEU A 211 1.34 -11.18 -3.61
N CYS A 212 2.55 -11.32 -3.04
CA CYS A 212 3.74 -10.77 -3.66
C CYS A 212 4.02 -11.47 -4.97
N ALA A 213 3.88 -12.80 -4.98
CA ALA A 213 4.08 -13.57 -6.20
C ALA A 213 3.04 -13.14 -7.25
N ILE A 214 1.78 -13.03 -6.80
CA ILE A 214 0.66 -12.62 -7.64
C ILE A 214 0.97 -11.25 -8.21
N HIS A 215 1.64 -10.36 -7.46
CA HIS A 215 2.02 -9.08 -8.03
C HIS A 215 3.11 -9.25 -9.07
N LEU A 216 4.15 -10.01 -8.69
CA LEU A 216 5.41 -10.06 -9.43
C LEU A 216 5.25 -10.61 -10.85
N ASP A 217 4.32 -11.56 -11.01
CA ASP A 217 4.20 -12.29 -12.27
C ASP A 217 2.99 -11.87 -13.11
N GLY A 218 2.36 -10.71 -12.83
CA GLY A 218 1.33 -10.22 -13.74
C GLY A 218 -0.09 -10.64 -13.33
N THR A 219 -0.22 -11.65 -12.45
CA THR A 219 -1.53 -12.08 -11.97
C THR A 219 -2.34 -10.92 -11.41
N TYR A 220 -1.83 -10.27 -10.38
CA TYR A 220 -2.57 -9.16 -9.81
C TYR A 220 -3.11 -8.25 -10.92
N LYS A 221 -2.33 -8.06 -11.99
CA LYS A 221 -2.73 -7.08 -12.98
C LYS A 221 -3.91 -7.61 -13.79
N LYS A 222 -3.89 -8.92 -14.11
CA LYS A 222 -4.99 -9.50 -14.86
C LYS A 222 -6.29 -9.36 -14.05
N ILE A 223 -6.20 -9.73 -12.75
CA ILE A 223 -7.34 -9.79 -11.85
C ILE A 223 -7.96 -8.41 -11.67
N PHE A 224 -7.12 -7.42 -11.33
CA PHE A 224 -7.55 -6.05 -11.13
C PHE A 224 -8.12 -5.47 -12.42
N ASP A 225 -7.64 -5.98 -13.55
CA ASP A 225 -8.00 -5.40 -14.84
C ASP A 225 -9.39 -5.86 -15.29
N ARG A 226 -9.72 -7.11 -14.98
CA ARG A 226 -11.02 -7.72 -15.14
C ARG A 226 -12.12 -6.95 -14.40
N TYR A 227 -11.79 -6.09 -13.43
CA TYR A 227 -12.86 -5.59 -12.56
C TYR A 227 -12.89 -4.07 -12.45
N PHE A 228 -11.72 -3.41 -12.35
CA PHE A 228 -11.69 -1.98 -12.10
C PHE A 228 -11.09 -1.26 -13.29
N ASP A 229 -11.35 0.05 -13.37
CA ASP A 229 -10.69 1.00 -14.25
C ASP A 229 -9.48 1.59 -13.53
N LYS A 230 -8.29 1.30 -14.08
CA LYS A 230 -7.00 1.60 -13.46
C LYS A 230 -6.84 3.10 -13.21
N ASN A 231 -7.54 3.93 -14.02
CA ASN A 231 -7.46 5.38 -13.96
C ASN A 231 -8.33 5.91 -12.83
N ILE A 232 -9.16 5.03 -12.24
CA ILE A 232 -10.23 5.48 -11.35
C ILE A 232 -10.08 4.80 -9.99
N ILE A 233 -9.66 3.54 -9.99
CA ILE A 233 -9.50 2.84 -8.73
C ILE A 233 -8.01 2.79 -8.43
N SER A 234 -7.65 2.74 -7.14
CA SER A 234 -6.23 2.68 -6.80
C SER A 234 -5.80 1.26 -6.50
N SER A 235 -4.68 0.85 -7.07
CA SER A 235 -3.96 -0.33 -6.62
C SER A 235 -3.03 0.09 -5.50
N VAL A 236 -2.50 -0.92 -4.80
CA VAL A 236 -1.47 -0.75 -3.83
C VAL A 236 -0.11 -0.84 -4.55
N PRO A 237 1.03 -0.84 -3.83
CA PRO A 237 2.31 -0.96 -4.50
C PRO A 237 2.53 -2.44 -4.80
N GLY A 238 3.38 -2.68 -5.81
CA GLY A 238 3.80 -4.04 -6.13
C GLY A 238 4.98 -4.50 -5.28
N CYS A 239 5.53 -5.67 -5.63
CA CYS A 239 6.60 -6.34 -4.89
C CYS A 239 7.89 -6.22 -5.71
N SER A 240 9.03 -6.67 -5.15
CA SER A 240 10.30 -6.60 -5.86
C SER A 240 10.89 -7.98 -6.10
N SER A 241 11.80 -8.06 -7.08
CA SER A 241 12.43 -9.28 -7.56
C SER A 241 11.76 -9.75 -8.85
N SER B 8 15.45 -1.15 26.54
CA SER B 8 14.01 -0.84 26.19
C SER B 8 13.91 0.39 25.30
N ALA B 9 14.54 0.27 24.12
CA ALA B 9 14.46 1.24 23.05
C ALA B 9 14.33 0.45 21.75
N LEU B 10 14.00 1.16 20.67
CA LEU B 10 13.92 0.57 19.34
C LEU B 10 15.26 0.80 18.62
N ARG B 11 16.07 -0.28 18.51
CA ARG B 11 17.38 -0.25 17.90
C ARG B 11 17.19 -0.26 16.38
N VAL B 12 17.41 0.90 15.76
CA VAL B 12 17.18 1.06 14.35
C VAL B 12 18.56 1.17 13.69
N GLY B 13 18.86 0.23 12.78
CA GLY B 13 19.97 0.26 11.84
C GLY B 13 19.68 1.16 10.63
N THR B 14 20.66 1.99 10.28
CA THR B 14 20.65 2.59 8.96
C THR B 14 22.08 2.77 8.50
N ASP B 15 22.19 3.32 7.30
CA ASP B 15 23.38 3.95 6.80
C ASP B 15 22.97 5.37 6.52
N GLY B 16 23.66 6.33 7.16
CA GLY B 16 23.24 7.72 7.09
C GLY B 16 23.90 8.53 5.96
N ILE B 17 24.02 7.93 4.76
CA ILE B 17 24.53 8.70 3.63
C ILE B 17 23.61 8.58 2.42
N TYR B 18 22.28 8.57 2.65
CA TYR B 18 21.23 8.24 1.68
C TYR B 18 20.09 9.27 1.76
N PRO B 19 20.33 10.55 1.44
CA PRO B 19 19.22 11.51 1.44
C PRO B 19 18.16 11.14 0.38
N PRO B 20 16.84 11.36 0.63
CA PRO B 20 16.33 11.93 1.87
C PRO B 20 15.88 10.88 2.87
N HIS B 21 16.33 9.63 2.72
CA HIS B 21 15.84 8.59 3.61
C HIS B 21 16.47 8.66 5.00
N SER B 22 17.77 9.00 5.08
CA SER B 22 18.61 8.75 6.23
C SER B 22 19.97 9.39 5.96
N PHE B 23 20.06 10.67 6.36
CA PHE B 23 21.24 11.50 6.13
C PHE B 23 21.44 12.42 7.33
N HIS B 24 22.57 13.15 7.37
CA HIS B 24 22.85 13.96 8.54
C HIS B 24 22.73 15.45 8.19
N ALA B 25 22.21 16.21 9.15
CA ALA B 25 21.86 17.59 8.87
C ALA B 25 23.15 18.38 8.73
N GLN B 26 23.00 19.62 8.22
CA GLN B 26 24.13 20.52 8.11
C GLN B 26 25.18 19.86 7.25
N ASP B 27 24.79 19.44 6.06
CA ASP B 27 25.78 19.00 5.07
C ASP B 27 26.56 17.79 5.58
N GLY B 28 25.92 16.96 6.40
CA GLY B 28 26.46 15.66 6.77
C GLY B 28 27.15 15.67 8.13
N ARG B 29 27.06 16.80 8.84
CA ARG B 29 27.83 17.03 10.05
C ARG B 29 26.97 16.92 11.31
N GLY B 30 25.64 17.03 11.16
CA GLY B 30 24.76 17.14 12.31
C GLY B 30 24.02 15.85 12.60
N GLU B 31 22.89 15.98 13.28
CA GLU B 31 22.13 14.81 13.73
C GLU B 31 21.56 14.02 12.54
N LEU B 32 21.28 12.76 12.82
CA LEU B 32 20.65 11.91 11.85
C LEU B 32 19.26 12.41 11.54
N THR B 33 18.91 12.43 10.26
CA THR B 33 17.63 12.99 9.88
C THR B 33 17.11 12.13 8.72
N GLY B 34 15.91 12.46 8.21
CA GLY B 34 15.36 11.91 6.97
C GLY B 34 13.96 11.31 7.13
N PHE B 35 13.32 11.04 5.99
CA PHE B 35 11.97 10.56 5.96
C PHE B 35 11.82 9.33 6.86
N ASP B 36 12.54 8.27 6.55
CA ASP B 36 12.42 7.05 7.31
C ASP B 36 12.73 7.25 8.79
N ILE B 37 13.76 8.06 9.05
CA ILE B 37 14.32 8.30 10.37
C ILE B 37 13.27 9.02 11.21
N ASP B 38 12.71 10.12 10.70
CA ASP B 38 11.64 10.85 11.39
C ASP B 38 10.45 9.93 11.64
N LEU B 39 10.11 9.11 10.64
CA LEU B 39 9.02 8.19 10.79
C LEU B 39 9.31 7.27 11.94
N ILE B 40 10.42 6.52 11.92
CA ILE B 40 10.54 5.48 12.94
C ILE B 40 10.68 6.16 14.30
N LYS B 41 11.39 7.30 14.32
CA LYS B 41 11.46 8.13 15.52
C LYS B 41 10.05 8.50 15.98
N GLU B 42 9.22 9.01 15.05
CA GLU B 42 7.81 9.25 15.32
C GLU B 42 7.15 7.97 15.83
N VAL B 43 7.36 6.87 15.11
CA VAL B 43 6.78 5.61 15.53
C VAL B 43 7.22 5.38 16.98
N ALA B 44 8.50 5.62 17.25
CA ALA B 44 9.10 5.21 18.51
C ALA B 44 8.46 5.96 19.66
N HIS B 45 8.21 7.25 19.45
CA HIS B 45 7.67 8.14 20.43
C HIS B 45 6.26 7.68 20.84
N ARG B 46 5.43 7.29 19.87
CA ARG B 46 4.08 6.91 20.23
C ARG B 46 4.11 5.55 20.94
N LEU B 47 4.91 4.61 20.43
CA LEU B 47 5.13 3.32 21.06
C LEU B 47 5.76 3.52 22.44
N ASN B 48 6.10 4.78 22.75
CA ASN B 48 6.80 5.18 23.97
C ASN B 48 8.11 4.41 24.15
N LEU B 49 9.11 4.80 23.37
CA LEU B 49 10.39 4.11 23.31
C LEU B 49 11.43 5.11 22.81
N LYS B 50 12.58 5.15 23.50
CA LYS B 50 13.78 5.81 22.99
C LYS B 50 14.25 5.08 21.73
N VAL B 51 15.02 5.77 20.90
CA VAL B 51 15.55 5.12 19.72
C VAL B 51 17.07 5.24 19.75
N GLU B 52 17.77 4.11 19.59
CA GLU B 52 19.20 4.10 19.43
C GLU B 52 19.51 3.71 17.99
N PHE B 53 20.20 4.59 17.25
CA PHE B 53 20.67 4.24 15.92
C PHE B 53 22.04 3.57 15.91
N PHE B 54 22.29 2.89 14.78
CA PHE B 54 23.47 2.17 14.41
C PHE B 54 23.67 2.37 12.90
N GLU B 55 24.61 3.26 12.51
CA GLU B 55 24.93 3.39 11.09
C GLU B 55 26.08 2.48 10.72
N THR B 56 25.78 1.66 9.72
CA THR B 56 26.64 0.62 9.18
C THR B 56 26.57 0.84 7.68
N ALA B 57 27.42 0.19 6.87
CA ALA B 57 27.30 0.25 5.41
C ALA B 57 26.22 -0.74 4.92
N VAL B 58 25.59 -0.43 3.78
CA VAL B 58 24.35 -1.07 3.42
C VAL B 58 24.59 -2.58 3.30
N SER B 59 25.85 -2.92 3.00
CA SER B 59 26.20 -4.27 2.63
C SER B 59 26.13 -5.15 3.88
N GLY B 60 26.41 -4.54 5.03
CA GLY B 60 26.25 -5.18 6.32
C GLY B 60 24.88 -4.97 6.96
N LEU B 61 23.96 -4.25 6.29
CA LEU B 61 22.74 -3.86 6.99
C LEU B 61 21.96 -5.08 7.51
N ILE B 62 21.60 -6.01 6.63
CA ILE B 62 20.79 -7.16 6.97
C ILE B 62 21.56 -8.05 7.94
N THR B 63 22.88 -8.20 7.69
CA THR B 63 23.79 -8.84 8.63
C THR B 63 23.52 -8.33 10.05
N GLY B 64 23.55 -7.01 10.22
CA GLY B 64 23.37 -6.34 11.49
C GLY B 64 22.05 -6.72 12.17
N LEU B 65 21.12 -7.25 11.38
CA LEU B 65 19.78 -7.64 11.85
C LEU B 65 19.72 -9.14 12.16
N ASP B 66 20.38 -9.96 11.34
CA ASP B 66 20.54 -11.37 11.66
C ASP B 66 21.36 -11.51 12.94
N THR B 67 22.23 -10.54 13.20
CA THR B 67 23.24 -10.72 14.23
C THR B 67 22.79 -9.99 15.51
N ASN B 68 21.55 -9.50 15.47
CA ASN B 68 20.80 -9.03 16.64
C ASN B 68 21.40 -7.73 17.17
N ARG B 69 22.15 -7.01 16.33
CA ARG B 69 22.78 -5.79 16.84
C ARG B 69 21.80 -4.61 16.68
N TYR B 70 20.62 -4.88 16.11
CA TYR B 70 19.46 -3.99 16.11
C TYR B 70 18.20 -4.68 15.55
N ASP B 71 17.03 -4.05 15.75
CA ASP B 71 15.74 -4.74 15.66
C ASP B 71 14.88 -4.30 14.47
N VAL B 72 15.10 -3.07 13.94
CA VAL B 72 14.40 -2.55 12.76
C VAL B 72 15.42 -2.12 11.70
N LEU B 73 15.11 -2.38 10.41
CA LEU B 73 15.72 -1.68 9.29
C LEU B 73 14.62 -0.88 8.63
N VAL B 74 15.02 0.21 7.99
CA VAL B 74 14.09 1.12 7.39
C VAL B 74 14.33 1.04 5.90
N ASN B 75 13.40 1.62 5.13
CA ASN B 75 13.50 1.72 3.67
C ASN B 75 13.82 0.35 3.08
N VAL B 76 13.17 -0.71 3.58
CA VAL B 76 13.36 -2.02 2.95
C VAL B 76 12.23 -2.39 1.99
N ALA B 77 12.62 -2.57 0.72
CA ALA B 77 11.77 -3.14 -0.31
C ALA B 77 11.28 -4.51 0.11
N ILE B 78 9.97 -4.71 -0.11
CA ILE B 78 9.38 -6.02 0.12
C ILE B 78 9.72 -6.92 -1.07
N THR B 79 10.09 -8.14 -0.72
CA THR B 79 10.63 -9.16 -1.61
C THR B 79 10.16 -10.51 -1.10
N PRO B 80 9.78 -11.45 -1.98
CA PRO B 80 9.29 -12.76 -1.53
C PRO B 80 10.34 -13.41 -0.62
N GLU B 81 11.57 -13.40 -1.16
CA GLU B 81 12.78 -13.86 -0.50
C GLU B 81 12.82 -13.32 0.93
N ARG B 82 12.71 -12.00 1.13
CA ARG B 82 12.86 -11.49 2.49
C ARG B 82 11.62 -11.80 3.34
N GLN B 83 10.49 -12.03 2.70
CA GLN B 83 9.22 -12.12 3.40
C GLN B 83 9.09 -13.49 4.06
N LYS B 84 9.78 -14.47 3.48
CA LYS B 84 10.05 -15.75 4.12
C LYS B 84 10.81 -15.57 5.44
N LYS B 85 11.89 -14.77 5.44
CA LYS B 85 12.82 -14.85 6.54
C LYS B 85 12.58 -13.75 7.55
N TYR B 86 11.72 -12.78 7.20
CA TYR B 86 11.52 -11.60 8.02
C TYR B 86 10.04 -11.23 8.18
N ASP B 87 9.77 -10.25 9.04
CA ASP B 87 8.49 -9.61 9.20
C ASP B 87 8.56 -8.20 8.61
N PHE B 88 7.64 -7.84 7.70
CA PHE B 88 7.54 -6.44 7.33
C PHE B 88 6.35 -5.80 8.05
N SER B 89 6.50 -4.53 8.47
CA SER B 89 5.36 -3.66 8.71
C SER B 89 4.53 -3.53 7.44
N ILE B 90 3.36 -2.87 7.60
CA ILE B 90 2.61 -2.46 6.43
C ILE B 90 3.51 -1.55 5.60
N PRO B 91 3.43 -1.57 4.26
CA PRO B 91 4.10 -0.57 3.43
C PRO B 91 3.77 0.83 3.89
N TYR B 92 4.81 1.68 3.88
CA TYR B 92 4.65 3.07 4.32
C TYR B 92 5.12 4.03 3.23
N ILE B 93 5.56 3.50 2.08
CA ILE B 93 6.05 4.31 0.97
C ILE B 93 6.30 3.33 -0.16
N ALA B 94 6.37 3.87 -1.39
CA ALA B 94 6.78 3.05 -2.52
C ALA B 94 7.78 3.82 -3.39
N HIS B 95 8.69 3.08 -4.06
CA HIS B 95 9.65 3.57 -5.03
C HIS B 95 9.37 2.85 -6.34
N ARG B 96 9.71 3.50 -7.45
CA ARG B 96 9.81 2.83 -8.71
C ARG B 96 11.27 2.88 -9.15
N VAL B 97 11.77 1.78 -9.72
CA VAL B 97 13.19 1.60 -9.99
C VAL B 97 13.43 2.15 -11.39
N LEU B 98 14.30 3.15 -11.48
CA LEU B 98 14.59 3.77 -12.78
C LEU B 98 15.93 3.22 -13.27
N LEU B 99 16.00 3.02 -14.60
CA LEU B 99 17.27 2.89 -15.30
C LEU B 99 17.65 4.30 -15.77
N VAL B 100 18.59 4.92 -15.04
CA VAL B 100 19.09 6.26 -15.36
C VAL B 100 20.42 6.14 -16.11
N VAL B 101 20.57 7.03 -17.10
CA VAL B 101 21.79 7.12 -17.90
C VAL B 101 22.13 8.58 -18.09
N ARG B 102 23.28 8.84 -18.73
CA ARG B 102 23.61 10.21 -19.12
C ARG B 102 22.66 10.61 -20.23
N SER B 103 22.25 11.88 -20.27
CA SER B 103 21.29 12.30 -21.27
C SER B 103 21.78 12.01 -22.68
N ASP B 104 23.11 12.03 -22.86
CA ASP B 104 23.80 11.81 -24.13
C ASP B 104 23.63 10.36 -24.62
N GLN B 105 23.27 9.45 -23.71
CA GLN B 105 23.26 8.01 -23.92
C GLN B 105 22.30 7.61 -25.04
N GLN B 106 22.56 6.44 -25.64
CA GLN B 106 22.12 6.14 -26.99
C GLN B 106 21.42 4.79 -27.03
N ASP B 107 22.14 3.75 -26.58
CA ASP B 107 21.78 2.37 -26.90
C ASP B 107 21.16 1.66 -25.71
N ILE B 108 21.11 2.31 -24.54
CA ILE B 108 20.51 1.64 -23.39
C ILE B 108 19.04 2.07 -23.31
N ARG B 109 18.15 1.18 -23.75
CA ARG B 109 16.74 1.53 -23.86
C ARG B 109 15.90 0.65 -22.94
N SER B 110 16.46 -0.46 -22.45
CA SER B 110 15.77 -1.24 -21.44
C SER B 110 16.79 -1.89 -20.50
N PHE B 111 16.26 -2.52 -19.44
CA PHE B 111 17.14 -3.27 -18.57
C PHE B 111 17.88 -4.34 -19.38
N LYS B 112 17.23 -5.02 -20.32
CA LYS B 112 17.90 -6.10 -21.05
C LYS B 112 19.21 -5.62 -21.67
N ASP B 113 19.34 -4.30 -21.87
CA ASP B 113 20.40 -3.69 -22.64
C ASP B 113 21.61 -3.40 -21.76
N LEU B 114 21.51 -3.73 -20.48
CA LEU B 114 22.59 -3.44 -19.57
C LEU B 114 23.70 -4.46 -19.73
N THR B 115 23.39 -5.61 -20.34
CA THR B 115 24.42 -6.58 -20.65
C THR B 115 25.53 -5.86 -21.43
N ASP B 116 26.78 -6.09 -21.01
CA ASP B 116 27.95 -5.64 -21.76
C ASP B 116 28.20 -4.12 -21.67
N LYS B 117 27.41 -3.39 -20.89
CA LYS B 117 27.71 -2.01 -20.52
C LYS B 117 28.17 -1.96 -19.05
N THR B 118 28.68 -0.78 -18.66
CA THR B 118 29.29 -0.64 -17.36
C THR B 118 28.29 0.02 -16.40
N VAL B 119 28.03 -0.60 -15.24
CA VAL B 119 26.95 -0.10 -14.41
C VAL B 119 27.41 0.23 -12.98
N ALA B 120 26.90 1.35 -12.42
CA ALA B 120 27.14 1.67 -11.02
C ALA B 120 26.02 1.09 -10.16
N GLN B 121 26.34 0.13 -9.29
CA GLN B 121 25.36 -0.25 -8.29
C GLN B 121 26.09 -0.42 -6.97
N ILE B 122 25.33 -0.34 -5.87
CA ILE B 122 25.86 -0.37 -4.51
C ILE B 122 26.08 -1.81 -4.14
N LEU B 123 27.32 -2.14 -3.77
CA LEU B 123 27.64 -3.54 -3.49
C LEU B 123 26.69 -4.07 -2.43
N GLY B 124 26.17 -5.29 -2.66
CA GLY B 124 25.38 -6.00 -1.66
C GLY B 124 23.89 -5.67 -1.77
N THR B 125 23.45 -5.13 -2.93
CA THR B 125 22.03 -4.77 -3.08
C THR B 125 21.44 -5.58 -4.22
N ASP B 126 20.13 -5.76 -4.20
CA ASP B 126 19.44 -6.53 -5.21
C ASP B 126 19.69 -5.85 -6.55
N LEU B 127 19.88 -4.54 -6.56
CA LEU B 127 20.06 -4.00 -7.90
C LEU B 127 21.44 -4.37 -8.44
N SER B 128 22.48 -4.39 -7.58
CA SER B 128 23.79 -4.97 -7.84
C SER B 128 23.68 -6.43 -8.32
N ARG B 129 22.88 -7.25 -7.62
CA ARG B 129 22.72 -8.63 -8.05
C ARG B 129 22.02 -8.67 -9.40
N PHE B 130 21.00 -7.86 -9.59
CA PHE B 130 20.42 -7.71 -10.92
C PHE B 130 21.51 -7.34 -11.94
N ALA B 131 22.19 -6.23 -11.76
CA ALA B 131 23.14 -5.79 -12.78
C ALA B 131 24.14 -6.89 -13.10
N LYS B 132 24.52 -7.69 -12.08
CA LYS B 132 25.46 -8.78 -12.22
C LYS B 132 24.84 -9.89 -13.07
N GLU B 133 23.71 -10.47 -12.65
CA GLU B 133 22.88 -11.34 -13.48
C GLU B 133 22.88 -10.94 -14.97
N LEU B 134 22.59 -9.68 -15.31
CA LEU B 134 22.48 -9.31 -16.72
C LEU B 134 23.81 -9.39 -17.49
N LYS B 135 24.87 -9.88 -16.82
CA LYS B 135 26.25 -9.79 -17.29
C LYS B 135 26.58 -8.35 -17.68
N SER B 136 26.40 -7.43 -16.71
CA SER B 136 26.91 -6.08 -16.87
C SER B 136 28.35 -6.04 -16.37
N HIS B 137 29.00 -4.87 -16.53
CA HIS B 137 30.30 -4.59 -15.94
C HIS B 137 30.09 -3.66 -14.76
N LEU B 138 30.23 -4.20 -13.56
CA LEU B 138 29.85 -3.50 -12.34
C LEU B 138 30.96 -2.56 -11.91
N VAL B 139 30.60 -1.34 -11.49
CA VAL B 139 31.46 -0.48 -10.69
C VAL B 139 30.72 -0.14 -9.40
N PHE B 140 31.26 -0.59 -8.26
CA PHE B 140 30.57 -0.54 -6.99
C PHE B 140 30.65 0.85 -6.33
N SER B 141 29.50 1.45 -6.02
CA SER B 141 29.41 2.75 -5.36
C SER B 141 29.08 2.57 -3.89
N HIS B 142 29.32 3.60 -3.08
CA HIS B 142 29.12 3.41 -1.65
C HIS B 142 27.76 3.93 -1.19
N ASN B 143 27.03 4.65 -2.07
CA ASN B 143 25.62 5.02 -1.89
C ASN B 143 25.06 5.55 -3.23
N PHE B 144 23.90 6.19 -3.18
CA PHE B 144 23.28 6.65 -4.40
C PHE B 144 23.94 7.91 -4.91
N GLU B 145 24.52 8.72 -4.03
CA GLU B 145 25.17 9.93 -4.56
C GLU B 145 26.33 9.54 -5.47
N GLN B 146 27.18 8.63 -4.98
CA GLN B 146 28.29 8.12 -5.78
C GLN B 146 27.82 7.32 -7.00
N SER B 147 26.87 6.40 -6.84
CA SER B 147 26.32 5.78 -8.05
C SER B 147 26.08 6.83 -9.13
N LEU B 148 25.42 7.93 -8.79
CA LEU B 148 25.06 8.96 -9.74
C LEU B 148 26.30 9.74 -10.21
N GLN B 149 27.21 10.04 -9.28
CA GLN B 149 28.41 10.80 -9.58
C GLN B 149 29.30 10.02 -10.54
N LEU B 150 29.23 8.68 -10.50
CA LEU B 150 30.01 7.78 -11.34
C LEU B 150 29.46 7.78 -12.78
N LEU B 151 28.13 7.83 -12.87
CA LEU B 151 27.44 7.95 -14.13
C LEU B 151 27.86 9.28 -14.76
N LEU B 152 27.86 10.35 -13.95
CA LEU B 152 28.20 11.67 -14.42
C LEU B 152 29.67 11.76 -14.85
N SER B 153 30.57 11.03 -14.16
CA SER B 153 32.01 11.12 -14.39
C SER B 153 32.46 10.18 -15.51
N LYS B 154 31.51 9.62 -16.27
CA LYS B 154 31.75 8.69 -17.37
C LYS B 154 32.36 7.38 -16.87
N ARG B 155 32.47 7.23 -15.54
CA ARG B 155 33.08 6.01 -15.04
C ARG B 155 32.17 4.79 -15.27
N THR B 156 30.84 5.01 -15.38
CA THR B 156 29.85 3.97 -15.69
C THR B 156 28.84 4.55 -16.70
N ASP B 157 28.08 3.67 -17.37
CA ASP B 157 27.17 4.11 -18.43
C ASP B 157 25.77 4.27 -17.87
N ALA B 158 25.53 3.60 -16.74
CA ALA B 158 24.18 3.59 -16.21
C ALA B 158 24.19 3.20 -14.74
N THR B 159 23.06 3.48 -14.11
CA THR B 159 22.74 2.86 -12.85
C THR B 159 21.23 2.62 -12.78
N MET B 160 20.87 1.59 -12.06
CA MET B 160 19.50 1.38 -11.63
C MET B 160 19.43 1.82 -10.17
N ILE B 161 18.49 2.75 -9.93
CA ILE B 161 18.31 3.53 -8.71
C ILE B 161 16.82 3.77 -8.53
N PRO B 162 16.22 3.76 -7.30
CA PRO B 162 14.83 4.22 -7.14
C PRO B 162 14.59 5.67 -7.56
N ASP B 163 13.30 6.08 -7.71
CA ASP B 163 12.91 7.45 -8.03
C ASP B 163 13.33 8.37 -6.90
N ILE B 164 13.03 7.95 -5.67
CA ILE B 164 13.20 8.78 -4.49
C ILE B 164 14.62 9.37 -4.41
N PRO B 165 15.71 8.58 -4.18
CA PRO B 165 17.06 9.13 -4.09
C PRO B 165 17.41 9.99 -5.29
N PHE B 166 16.99 9.57 -6.48
CA PHE B 166 17.38 10.14 -7.74
C PHE B 166 16.72 11.49 -7.97
N PHE B 167 15.48 11.69 -7.47
CA PHE B 167 14.83 12.99 -7.54
C PHE B 167 15.31 13.83 -6.36
N ASN B 168 15.71 13.15 -5.30
CA ASN B 168 16.35 13.90 -4.23
C ASN B 168 17.58 14.58 -4.82
N PHE B 169 18.31 13.86 -5.66
CA PHE B 169 19.56 14.36 -6.14
C PHE B 169 19.31 15.55 -7.06
N LEU B 170 18.27 15.50 -7.91
CA LEU B 170 17.90 16.60 -8.81
C LEU B 170 17.49 17.85 -8.04
N GLU B 171 17.04 17.69 -6.78
CA GLU B 171 16.70 18.81 -5.92
C GLU B 171 17.98 19.46 -5.40
N ARG B 172 18.74 18.74 -4.56
CA ARG B 172 19.93 19.30 -3.94
C ARG B 172 20.86 19.91 -4.98
N ARG B 173 20.98 19.25 -6.14
CA ARG B 173 21.92 19.61 -7.19
C ARG B 173 21.16 19.82 -8.51
N PRO B 174 20.40 20.95 -8.66
CA PRO B 174 19.35 21.07 -9.68
C PRO B 174 19.83 21.22 -11.13
N HIS B 175 21.08 21.69 -11.28
CA HIS B 175 21.75 21.90 -12.55
C HIS B 175 22.12 20.55 -13.18
N ASP B 176 22.08 19.48 -12.38
CA ASP B 176 22.37 18.10 -12.76
C ASP B 176 21.09 17.37 -13.15
N GLY B 177 19.94 18.08 -13.04
CA GLY B 177 18.61 17.55 -13.34
C GLY B 177 18.31 17.45 -14.83
N ASN B 178 19.37 17.65 -15.64
CA ASN B 178 19.29 17.82 -17.07
C ASN B 178 20.36 16.95 -17.72
N LEU B 179 21.31 16.52 -16.87
CA LEU B 179 22.49 15.79 -17.32
C LEU B 179 22.22 14.29 -17.34
N PHE B 180 21.01 13.89 -16.88
CA PHE B 180 20.59 12.49 -16.86
C PHE B 180 19.33 12.28 -17.69
N LYS B 181 18.91 11.01 -17.83
CA LYS B 181 17.57 10.72 -18.34
C LYS B 181 17.13 9.31 -17.92
N ILE B 182 15.80 9.15 -17.76
CA ILE B 182 15.23 7.86 -17.42
C ILE B 182 15.01 7.08 -18.72
N ALA B 183 15.72 5.96 -18.88
CA ALA B 183 15.58 5.17 -20.09
C ALA B 183 14.67 3.95 -19.86
N ASP B 184 14.33 3.67 -18.61
CA ASP B 184 13.35 2.65 -18.29
C ASP B 184 12.96 2.75 -16.81
N ARG B 185 11.74 2.32 -16.50
CA ARG B 185 11.32 2.08 -15.13
C ARG B 185 10.72 0.68 -15.11
N MET B 186 10.64 0.04 -13.94
CA MET B 186 10.00 -1.25 -13.75
C MET B 186 8.49 -1.16 -13.98
N LYS B 187 7.87 -2.25 -14.46
CA LYS B 187 6.43 -2.29 -14.67
C LYS B 187 5.71 -1.80 -13.42
N ASP B 188 5.87 -2.51 -12.29
CA ASP B 188 5.25 -2.05 -11.06
C ASP B 188 6.24 -1.19 -10.29
N ASN B 189 5.70 -0.36 -9.37
CA ASN B 189 6.47 0.19 -8.27
C ASN B 189 6.58 -0.86 -7.15
N SER B 190 7.33 -0.61 -6.10
CA SER B 190 7.65 -1.61 -5.10
C SER B 190 7.30 -1.10 -3.70
N ALA B 191 6.88 -1.98 -2.81
CA ALA B 191 6.55 -1.48 -1.49
C ALA B 191 7.82 -1.41 -0.66
N VAL B 192 7.88 -0.34 0.14
CA VAL B 192 8.90 -0.19 1.16
C VAL B 192 8.22 -0.23 2.52
N ALA B 193 8.84 -1.00 3.45
CA ALA B 193 8.36 -1.33 4.79
C ALA B 193 9.52 -1.39 5.79
N PHE B 194 9.20 -1.32 7.08
CA PHE B 194 10.23 -1.59 8.07
C PHE B 194 10.51 -3.09 8.07
N MET B 195 11.75 -3.49 8.39
CA MET B 195 12.02 -4.92 8.43
C MET B 195 12.58 -5.42 9.77
N MET B 196 11.83 -6.34 10.40
CA MET B 196 12.19 -6.92 11.68
C MET B 196 12.47 -8.40 11.51
N ARG B 197 13.24 -8.98 12.44
CA ARG B 197 13.42 -10.43 12.44
C ARG B 197 12.07 -11.13 12.50
N LYS B 198 12.02 -12.36 11.98
CA LYS B 198 10.81 -13.17 12.05
C LYS B 198 10.51 -13.38 13.54
N GLY B 199 9.23 -13.32 13.94
CA GLY B 199 8.89 -13.55 15.34
C GLY B 199 8.61 -12.29 16.15
N ASN B 200 9.05 -11.11 15.65
CA ASN B 200 8.76 -9.83 16.28
C ASN B 200 7.29 -9.49 16.04
N ASN B 201 6.46 -10.54 15.98
CA ASN B 201 5.04 -10.45 15.68
C ASN B 201 4.42 -9.30 16.44
N LYS B 202 4.73 -9.22 17.74
CA LYS B 202 4.11 -8.24 18.63
C LYS B 202 4.53 -6.83 18.19
N LEU B 203 5.85 -6.60 18.00
CA LEU B 203 6.37 -5.27 17.67
C LEU B 203 5.84 -4.78 16.32
N THR B 204 5.69 -5.73 15.39
CA THR B 204 5.22 -5.43 14.04
C THR B 204 3.86 -4.75 14.09
N ARG B 205 2.94 -5.34 14.85
CA ARG B 205 1.53 -4.97 14.87
C ARG B 205 1.40 -3.59 15.48
N SER B 206 2.18 -3.34 16.54
CA SER B 206 2.24 -2.04 17.17
C SER B 206 2.71 -0.99 16.16
N ILE B 207 3.76 -1.32 15.40
CA ILE B 207 4.24 -0.40 14.41
C ILE B 207 3.09 -0.11 13.46
N ASN B 208 2.38 -1.18 13.11
CA ASN B 208 1.24 -1.11 12.22
C ASN B 208 0.13 -0.19 12.76
N GLU B 209 -0.12 -0.31 14.07
CA GLU B 209 -1.20 0.45 14.68
C GLU B 209 -0.80 1.92 14.69
N ILE B 210 0.47 2.18 15.03
CA ILE B 210 0.91 3.55 15.17
C ILE B 210 1.01 4.19 13.78
N LEU B 211 1.54 3.42 12.81
CA LEU B 211 1.53 3.93 11.46
C LEU B 211 0.11 4.34 11.05
N CYS B 212 -0.89 3.56 11.46
CA CYS B 212 -2.27 3.89 11.13
C CYS B 212 -2.68 5.17 11.82
N ALA B 213 -2.29 5.33 13.09
CA ALA B 213 -2.55 6.58 13.80
C ALA B 213 -1.87 7.76 13.08
N ILE B 214 -0.59 7.56 12.72
CA ILE B 214 0.22 8.55 12.05
C ILE B 214 -0.46 8.93 10.75
N HIS B 215 -1.11 7.97 10.07
CA HIS B 215 -1.84 8.33 8.86
C HIS B 215 -3.10 9.14 9.22
N LEU B 216 -3.86 8.64 10.21
CA LEU B 216 -5.22 9.11 10.51
C LEU B 216 -5.25 10.57 10.94
N ASP B 217 -4.20 11.02 11.62
CA ASP B 217 -4.21 12.34 12.23
C ASP B 217 -3.32 13.37 11.50
N GLY B 218 -2.88 13.11 10.26
CA GLY B 218 -2.21 14.15 9.47
C GLY B 218 -0.68 14.05 9.55
N THR B 219 -0.14 13.35 10.57
CA THR B 219 1.29 13.20 10.74
C THR B 219 1.95 12.67 9.46
N TYR B 220 1.52 11.50 8.98
CA TYR B 220 2.15 10.97 7.80
C TYR B 220 2.30 12.04 6.74
N LYS B 221 1.30 12.92 6.62
CA LYS B 221 1.30 13.89 5.53
C LYS B 221 2.38 14.93 5.78
N LYS B 222 2.55 15.37 7.04
CA LYS B 222 3.55 16.37 7.35
C LYS B 222 4.93 15.82 6.99
N ILE B 223 5.21 14.57 7.44
CA ILE B 223 6.50 13.91 7.33
C ILE B 223 6.85 13.69 5.85
N PHE B 224 5.92 13.12 5.09
CA PHE B 224 6.13 12.87 3.67
C PHE B 224 6.30 14.18 2.90
N ASP B 225 5.70 15.23 3.42
CA ASP B 225 5.67 16.52 2.74
C ASP B 225 7.01 17.24 2.89
N ARG B 226 7.63 17.11 4.06
CA ARG B 226 8.97 17.54 4.41
C ARG B 226 10.04 16.94 3.51
N TYR B 227 9.77 15.85 2.78
CA TYR B 227 10.88 15.17 2.13
C TYR B 227 10.68 14.90 0.64
N PHE B 228 9.46 14.53 0.22
CA PHE B 228 9.22 14.17 -1.16
C PHE B 228 8.28 15.16 -1.82
N ASP B 229 8.25 15.12 -3.17
CA ASP B 229 7.28 15.81 -4.01
C ASP B 229 6.12 14.86 -4.27
N LYS B 230 4.93 15.25 -3.76
CA LYS B 230 3.76 14.38 -3.70
C LYS B 230 3.33 13.95 -5.09
N ASN B 231 3.65 14.78 -6.10
CA ASN B 231 3.27 14.56 -7.48
C ASN B 231 4.19 13.53 -8.14
N ILE B 232 5.31 13.19 -7.47
CA ILE B 232 6.41 12.47 -8.10
C ILE B 232 6.69 11.19 -7.33
N ILE B 233 6.57 11.22 -6.00
CA ILE B 233 6.82 10.03 -5.22
C ILE B 233 5.47 9.47 -4.83
N SER B 234 5.39 8.13 -4.66
CA SER B 234 4.09 7.52 -4.34
C SER B 234 3.98 7.26 -2.85
N SER B 235 2.87 7.66 -2.25
CA SER B 235 2.49 7.23 -0.92
C SER B 235 1.74 5.90 -1.06
N VAL B 236 1.56 5.25 0.10
CA VAL B 236 0.71 4.09 0.25
C VAL B 236 -0.69 4.58 0.64
N PRO B 237 -1.66 3.69 0.91
CA PRO B 237 -2.98 4.14 1.32
C PRO B 237 -2.93 4.48 2.79
N GLY B 238 -3.82 5.41 3.18
CA GLY B 238 -4.07 5.72 4.57
C GLY B 238 -5.02 4.73 5.25
N CYS B 239 -5.43 5.10 6.48
CA CYS B 239 -6.18 4.23 7.35
C CYS B 239 -7.60 4.77 7.46
N SER B 240 -8.52 4.02 8.09
CA SER B 240 -9.87 4.51 8.33
C SER B 240 -10.17 4.57 9.83
N SER B 241 -11.30 5.25 10.15
CA SER B 241 -11.70 5.63 11.50
C SER B 241 -11.41 7.13 11.68
C07 1II C . -16.24 -1.61 7.09
C08 1II C . -17.60 -1.70 7.60
C09 1II C . -15.72 -2.74 6.30
C10 1II C . -18.13 -3.14 7.89
C11 1II C . -16.07 -4.10 6.95
C12 1II C . -17.79 -5.33 7.61
C13 1II C . -17.66 -6.41 6.51
C14 1II C . -17.19 0.10 5.30
C15 1II C . -18.28 -5.87 5.19
C16 1II C . -15.04 0.59 6.16
C17 1II C . -17.17 -5.73 4.12
C18 1II C . -16.68 1.35 4.68
C19 1II C . -18.56 -0.50 4.94
C20 1II C . -17.28 -4.43 3.32
C21 1II C . -17.40 -6.79 3.06
C22 1II C . -17.56 2.09 3.64
C23 1II C . -19.45 0.22 3.92
C24 1II C . -18.95 1.52 3.27
C25 1II C . -15.94 -3.95 2.77
C26 1II C . -18.13 -6.38 1.77
C27 1II C . -18.59 -3.69 3.01
C28 1II C . -16.90 -8.22 3.28
C29 1II C . -15.82 -2.69 1.91
C30 1II C . -18.40 -7.39 0.67
C31 1II C . -18.45 -2.41 2.14
C32 1II C . -17.18 -9.25 2.20
C33 1II C . -17.08 -1.92 1.60
C34 1II C . -17.91 -8.81 0.93
F01 1II C . -16.91 -0.81 0.82
F02 1II C . -18.14 -9.71 -0.02
N04 1II C . -17.52 -4.25 7.14
N05 1II C . -16.15 -0.37 6.20
N06 1II C . -15.35 1.67 5.21
O03 1II C . -14.08 0.48 6.81
C07 1II D . 16.84 -3.71 -1.78
C08 1II D . 18.28 -3.80 -1.99
C09 1II D . 16.40 -2.75 -0.77
C10 1II D . 19.05 -3.96 -0.65
C11 1II D . 17.06 -3.13 0.57
C12 1II D . 19.11 -3.51 1.57
C13 1II D . 18.46 -2.89 2.83
C14 1II D . 16.50 -2.13 -3.85
C15 1II D . 18.98 -1.45 3.11
C16 1II D . 15.20 -4.08 -3.92
C17 1II D . 17.96 -0.34 2.66
C18 1II D . 15.70 -2.14 -5.10
C19 1II D . 17.48 -0.98 -3.52
C20 1II D . 18.33 0.11 1.24
C21 1II D . 18.29 0.91 3.44
C22 1II D . 15.82 -0.97 -6.09
C23 1II D . 17.63 0.19 -4.48
C24 1II D . 16.79 0.18 -5.76
C25 1II D . 17.26 0.69 0.28
C26 1II D . 18.50 2.23 2.69
C27 1II D . 19.79 -0.03 0.82
C28 1II D . 18.43 0.78 4.96
C29 1II D . 17.70 1.11 -1.12
C30 1II D . 18.87 3.48 3.46
C31 1II D . 20.24 0.39 -0.56
C32 1II D . 18.79 2.03 5.73
C33 1II D . 19.19 0.94 -1.50
C34 1II D . 19.01 3.32 4.97
F01 1II D . 19.64 1.28 -2.73
F02 1II D . 19.31 4.40 5.70
N04 1II D . 18.53 -3.20 0.53
N05 1II D . 16.19 -3.32 -3.11
N06 1II D . 14.87 -3.33 -5.16
O03 1II D . 14.72 -5.11 -3.65
#